data_4WW7
#
_entry.id   4WW7
#
_cell.length_a   113.890
_cell.length_b   113.890
_cell.length_c   87.410
_cell.angle_alpha   90.00
_cell.angle_beta   90.00
_cell.angle_gamma   90.00
#
_symmetry.space_group_name_H-M   'I 41'
#
loop_
_entity.id
_entity.type
_entity.pdbx_description
1 polymer 'EKC/KEOPS complex subunit BUD32'
2 polymer 'EKC/KEOPS complex subunit CGI121'
3 non-polymer 'ADENOSINE MONOPHOSPHATE'
4 non-polymer 'ACETATE ION'
5 non-polymer 'SULFATE ION'
6 water water
#
loop_
_entity_poly.entity_id
_entity_poly.type
_entity_poly.pdbx_seq_one_letter_code
_entity_poly.pdbx_strand_id
1 'polypeptide(L)'
;MTQEFIDKVSSYLTPDVDIAPISQGAEAIVFTTTTHPYLPRAKDSHQKYIIKYRPPKRYRHPQIDQALTKHRTLNESRLL
AKLYLIPGLCVPQLIACDPYNGFIWLEFLGEDLPGGHGFSNLKNFLWMHDQDPYSDLVATTLRKVGRQIGLLHWNDYCHG
DLTSSNIVLVRDGARWTPHLIDFGLGSVSNLVEDKGVDLYVLERAILSTHSKHAEKYNAWIMEGFEEVYREQGAKGAKKL
KEVTKRFEEVRLRGRKRSMLG
;
A
2 'polypeptide(L)'
;MVVSIIPQFPDIKVSLALFEQVKNAKEIRSKMSELSTSFAFIDPRLVCSGEQMYSAIYKTLIEVKYNKMRTRNLNSECVL
CLSPTSNISDAFLKFGIKDDSSQLICLKFHTNTDDVDKEQLRTIMTSIVKGQEIEFNDDNLSRFYDEALIRKIYKLSDDF
KPQDVNGLSRALVDAIQLRGVHHHHHH
;
B
#
loop_
_chem_comp.id
_chem_comp.type
_chem_comp.name
_chem_comp.formula
ACT non-polymer 'ACETATE ION' 'C2 H3 O2 -1'
AMP non-polymer 'ADENOSINE MONOPHOSPHATE' 'C10 H14 N5 O7 P'
SO4 non-polymer 'SULFATE ION' 'O4 S -2'
#
# COMPACT_ATOMS: atom_id res chain seq x y z
N GLU A 4 -28.66 -1.57 0.36
CA GLU A 4 -28.42 -0.53 1.35
C GLU A 4 -26.92 -0.26 1.50
N PHE A 5 -26.12 -1.30 1.30
CA PHE A 5 -24.67 -1.15 1.32
C PHE A 5 -24.23 -0.22 0.19
N ILE A 6 -24.83 -0.38 -0.97
CA ILE A 6 -24.51 0.44 -2.14
C ILE A 6 -24.81 1.91 -1.88
N ASP A 7 -25.98 2.18 -1.28
CA ASP A 7 -26.37 3.54 -0.89
C ASP A 7 -25.32 4.17 0.01
N LYS A 8 -24.97 3.44 1.06
CA LYS A 8 -24.08 3.98 2.07
C LYS A 8 -22.67 4.24 1.52
N VAL A 9 -22.16 3.31 0.72
CA VAL A 9 -20.83 3.49 0.13
C VAL A 9 -20.83 4.65 -0.85
N SER A 10 -21.80 4.70 -1.76
CA SER A 10 -21.79 5.76 -2.77
C SER A 10 -22.02 7.13 -2.11
N SER A 11 -22.73 7.14 -0.99
CA SER A 11 -22.92 8.41 -0.29
C SER A 11 -21.63 8.86 0.40
N TYR A 12 -20.93 7.90 1.00
CA TYR A 12 -19.64 8.16 1.64
C TYR A 12 -18.61 8.70 0.64
N LEU A 13 -18.55 8.07 -0.54
CA LEU A 13 -17.57 8.43 -1.57
C LEU A 13 -17.95 9.68 -2.36
N THR A 14 -19.25 9.96 -2.39
CA THR A 14 -19.87 10.99 -3.25
C THR A 14 -19.99 10.55 -4.72
N PRO A 15 -20.82 11.26 -5.50
CA PRO A 15 -20.99 10.84 -6.89
C PRO A 15 -19.73 11.00 -7.77
N ASP A 16 -18.70 11.65 -7.26
CA ASP A 16 -17.46 11.83 -8.03
C ASP A 16 -16.61 10.55 -8.11
N VAL A 17 -16.96 9.52 -7.34
CA VAL A 17 -16.20 8.30 -7.37
C VAL A 17 -17.07 7.17 -7.96
N ASP A 18 -16.71 6.72 -9.15
CA ASP A 18 -17.40 5.57 -9.77
C ASP A 18 -17.10 4.30 -8.98
N ILE A 19 -18.08 3.41 -8.84
CA ILE A 19 -17.82 2.12 -8.20
C ILE A 19 -18.53 0.98 -8.93
N ALA A 20 -17.89 -0.16 -8.97
CA ALA A 20 -18.49 -1.39 -9.50
C ALA A 20 -18.25 -2.53 -8.52
N PRO A 21 -19.33 -3.10 -7.96
CA PRO A 21 -19.09 -4.20 -7.01
C PRO A 21 -18.57 -5.44 -7.74
N ILE A 22 -17.63 -6.14 -7.14
CA ILE A 22 -17.10 -7.37 -7.75
C ILE A 22 -17.15 -8.61 -6.83
N SER A 23 -17.31 -8.41 -5.53
CA SER A 23 -17.33 -9.53 -4.62
C SER A 23 -17.97 -9.17 -3.29
N GLN A 24 -18.73 -10.10 -2.73
CA GLN A 24 -19.27 -9.90 -1.39
C GLN A 24 -19.14 -11.19 -0.61
N GLY A 25 -18.49 -11.10 0.53
CA GLY A 25 -18.30 -12.25 1.40
C GLY A 25 -18.94 -11.99 2.74
N ALA A 26 -18.45 -12.66 3.78
CA ALA A 26 -18.97 -12.48 5.13
C ALA A 26 -18.01 -11.61 5.96
N ALA A 28 -16.79 -8.54 4.27
CA ALA A 28 -16.31 -7.47 3.38
C ALA A 28 -16.92 -7.50 1.98
N ILE A 29 -17.21 -6.31 1.45
CA ILE A 29 -17.68 -6.14 0.09
C ILE A 29 -16.57 -5.42 -0.69
N VAL A 30 -16.28 -5.91 -1.88
CA VAL A 30 -15.17 -5.36 -2.67
C VAL A 30 -15.69 -4.72 -3.95
N PHE A 31 -15.21 -3.51 -4.24
CA PHE A 31 -15.53 -2.78 -5.48
C PHE A 31 -14.28 -2.52 -6.28
N THR A 32 -14.46 -2.23 -7.56
CA THR A 32 -13.42 -1.53 -8.32
C THR A 32 -13.85 -0.09 -8.60
N THR A 33 -12.86 0.76 -8.81
CA THR A 33 -13.09 2.16 -9.21
C THR A 33 -11.97 2.61 -10.15
N THR A 34 -12.28 3.52 -11.06
CA THR A 34 -11.23 4.11 -11.89
C THR A 34 -10.66 5.39 -11.24
N THR A 35 -11.21 5.77 -10.10
CA THR A 35 -10.83 7.02 -9.40
C THR A 35 -9.80 6.80 -8.29
N HIS A 36 -8.65 7.48 -8.39
CA HIS A 36 -7.66 7.43 -7.32
C HIS A 36 -8.17 8.26 -6.14
N PRO A 37 -7.94 7.82 -4.90
CA PRO A 37 -8.59 8.50 -3.76
C PRO A 37 -8.00 9.88 -3.43
N TYR A 38 -6.83 10.22 -3.96
CA TYR A 38 -6.25 11.52 -3.60
C TYR A 38 -5.35 12.21 -4.63
N LEU A 39 -4.79 11.47 -5.58
CA LEU A 39 -3.99 12.14 -6.61
C LEU A 39 -4.94 12.89 -7.54
N PRO A 40 -4.55 14.09 -8.00
CA PRO A 40 -5.37 14.82 -8.98
C PRO A 40 -5.68 13.95 -10.19
N ARG A 41 -6.85 14.18 -10.80
CA ARG A 41 -7.23 13.37 -11.95
C ARG A 41 -6.15 13.40 -13.04
N ALA A 42 -5.85 12.22 -13.60
CA ALA A 42 -4.85 12.06 -14.65
C ALA A 42 -3.41 12.15 -14.15
N LYS A 43 -3.21 12.26 -12.85
CA LYS A 43 -1.83 12.30 -12.33
C LYS A 43 -1.49 10.98 -11.64
N ASP A 44 -2.46 10.06 -11.65
CA ASP A 44 -2.23 8.71 -11.15
C ASP A 44 -1.67 7.83 -12.27
N SER A 45 -1.40 6.56 -11.98
CA SER A 45 -0.64 5.72 -12.90
C SER A 45 -1.30 4.39 -13.30
N HIS A 46 -2.53 4.17 -12.88
CA HIS A 46 -3.19 2.89 -13.13
C HIS A 46 -4.63 3.08 -13.56
N GLN A 47 -5.12 2.12 -14.33
CA GLN A 47 -6.49 2.19 -14.85
C GLN A 47 -7.55 2.05 -13.77
N LYS A 48 -7.32 1.16 -12.80
CA LYS A 48 -8.30 0.98 -11.74
C LYS A 48 -7.72 0.53 -10.42
N TYR A 49 -8.56 0.61 -9.39
CA TYR A 49 -8.17 0.35 -8.01
C TYR A 49 -9.25 -0.48 -7.33
N ILE A 50 -8.90 -1.03 -6.17
CA ILE A 50 -9.82 -1.80 -5.36
C ILE A 50 -10.26 -0.99 -4.14
N ILE A 51 -11.55 -1.04 -3.82
CA ILE A 51 -12.05 -0.55 -2.54
C ILE A 51 -12.63 -1.73 -1.77
N LYS A 52 -12.10 -1.98 -0.59
CA LYS A 52 -12.59 -3.07 0.27
C LYS A 52 -13.28 -2.47 1.49
N TYR A 53 -14.58 -2.75 1.61
CA TYR A 53 -15.43 -2.10 2.59
C TYR A 53 -15.92 -3.13 3.61
N ARG A 54 -15.72 -2.85 4.89
CA ARG A 54 -16.27 -3.70 5.95
C ARG A 54 -17.37 -2.96 6.69
N PRO A 55 -18.63 -3.35 6.42
CA PRO A 55 -19.81 -2.75 7.07
C PRO A 55 -19.76 -2.97 8.58
N ARG A 72 -9.81 -4.80 12.33
CA ARG A 72 -9.84 -5.75 11.22
C ARG A 72 -9.38 -5.10 9.91
N THR A 73 -10.02 -3.99 9.53
CA THR A 73 -9.49 -3.20 8.42
C THR A 73 -8.10 -2.71 8.83
N LEU A 74 -7.93 -2.42 10.11
CA LEU A 74 -6.65 -1.97 10.62
C LEU A 74 -5.58 -3.08 10.56
N ASN A 75 -5.96 -4.28 10.97
CA ASN A 75 -5.03 -5.42 10.96
C ASN A 75 -4.53 -5.70 9.55
N GLU A 76 -5.45 -5.70 8.60
CA GLU A 76 -5.09 -6.03 7.23
C GLU A 76 -4.17 -4.95 6.65
N SER A 77 -4.48 -3.69 6.94
CA SER A 77 -3.68 -2.61 6.44
C SER A 77 -2.27 -2.63 7.03
N ARG A 78 -2.19 -2.87 8.33
CA ARG A 78 -0.89 -2.97 8.99
C ARG A 78 -0.03 -4.10 8.41
N LEU A 79 -0.63 -5.27 8.20
CA LEU A 79 0.12 -6.37 7.61
C LEU A 79 0.59 -6.09 6.19
N LEU A 80 -0.27 -5.52 5.35
CA LEU A 80 0.15 -5.17 3.99
C LEU A 80 1.39 -4.26 3.96
N ALA A 81 1.44 -3.30 4.89
CA ALA A 81 2.54 -2.34 4.97
C ALA A 81 3.84 -3.01 5.44
N LYS A 82 3.73 -3.88 6.43
CA LYS A 82 4.90 -4.60 6.93
C LYS A 82 5.49 -5.53 5.89
N LEU A 83 4.61 -6.22 5.15
CA LEU A 83 5.07 -7.19 4.17
C LEU A 83 5.74 -6.52 2.97
N TYR A 84 5.26 -5.34 2.58
CA TYR A 84 5.88 -4.65 1.44
C TYR A 84 7.37 -4.41 1.68
N LEU A 85 7.75 -4.15 2.91
CA LEU A 85 9.15 -3.79 3.23
C LEU A 85 10.09 -4.99 3.20
N ILE A 86 9.54 -6.19 3.17
CA ILE A 86 10.35 -7.42 3.12
C ILE A 86 10.78 -7.76 1.70
N PRO A 87 12.09 -7.80 1.45
CA PRO A 87 12.56 -8.06 0.08
C PRO A 87 11.96 -9.35 -0.49
N GLY A 88 11.44 -9.26 -1.71
CA GLY A 88 10.90 -10.42 -2.40
C GLY A 88 9.42 -10.72 -2.24
N LEU A 89 8.80 -10.15 -1.19
CA LEU A 89 7.37 -10.42 -0.92
C LEU A 89 6.49 -9.55 -1.83
N CYS A 90 5.51 -10.19 -2.47
CA CYS A 90 4.64 -9.53 -3.47
C CYS A 90 3.20 -9.39 -2.95
N VAL A 91 2.83 -8.15 -2.60
CA VAL A 91 1.53 -7.88 -2.00
C VAL A 91 0.98 -6.60 -2.65
N PRO A 92 -0.36 -6.39 -2.61
CA PRO A 92 -0.85 -5.15 -3.23
C PRO A 92 -0.49 -3.90 -2.45
N GLN A 93 -0.29 -2.79 -3.15
CA GLN A 93 -0.07 -1.51 -2.47
C GLN A 93 -1.28 -1.08 -1.63
N LEU A 94 -0.99 -0.65 -0.40
CA LEU A 94 -1.99 -0.01 0.46
C LEU A 94 -2.02 1.45 0.06
N ILE A 95 -3.08 1.88 -0.62
CA ILE A 95 -3.15 3.25 -1.11
C ILE A 95 -3.74 4.23 -0.08
N ALA A 96 -4.79 3.82 0.61
CA ALA A 96 -5.49 4.68 1.55
C ALA A 96 -6.22 3.84 2.57
N CYS A 97 -6.35 4.35 3.79
CA CYS A 97 -7.07 3.64 4.85
C CYS A 97 -7.94 4.61 5.63
N ASP A 98 -9.23 4.30 5.76
CA ASP A 98 -10.11 5.01 6.70
C ASP A 98 -10.64 4.00 7.70
N PRO A 99 -9.96 3.88 8.86
CA PRO A 99 -10.30 2.84 9.84
C PRO A 99 -11.56 3.21 10.62
N TYR A 100 -12.01 4.45 10.51
CA TYR A 100 -13.21 4.91 11.21
C TYR A 100 -14.50 4.47 10.52
N ASN A 101 -14.43 4.26 9.21
CA ASN A 101 -15.58 3.82 8.45
C ASN A 101 -15.39 2.47 7.75
N GLY A 102 -14.21 1.89 7.88
CA GLY A 102 -13.95 0.54 7.39
C GLY A 102 -13.59 0.41 5.93
N PHE A 103 -12.87 1.39 5.39
CA PHE A 103 -12.45 1.36 3.99
C PHE A 103 -10.94 1.19 3.83
N ILE A 104 -10.53 0.27 2.95
CA ILE A 104 -9.14 0.15 2.50
C ILE A 104 -9.14 0.32 0.97
N TRP A 105 -8.27 1.18 0.44
CA TRP A 105 -8.11 1.25 -1.01
C TRP A 105 -6.78 0.56 -1.34
N LEU A 106 -6.83 -0.34 -2.32
CA LEU A 106 -5.67 -1.14 -2.75
C LEU A 106 -5.37 -1.06 -4.23
N GLU A 107 -4.10 -1.28 -4.59
CA GLU A 107 -3.71 -1.60 -5.95
C GLU A 107 -4.53 -2.77 -6.52
N PHE A 108 -5.02 -2.61 -7.74
CA PHE A 108 -5.70 -3.74 -8.43
C PHE A 108 -4.63 -4.65 -9.05
N LEU A 109 -4.64 -5.92 -8.66
CA LEU A 109 -3.68 -6.92 -9.17
C LEU A 109 -4.36 -7.93 -10.07
N GLY A 110 -3.66 -8.29 -11.15
CA GLY A 110 -4.14 -9.34 -12.03
C GLY A 110 -4.89 -8.80 -13.24
N GLU A 111 -5.49 -9.71 -13.99
CA GLU A 111 -6.21 -9.33 -15.19
C GLU A 111 -7.08 -10.48 -15.63
N ASP A 112 -7.84 -10.28 -16.71
CA ASP A 112 -8.62 -11.36 -17.27
C ASP A 112 -7.75 -12.27 -18.11
N LEU A 113 -7.90 -13.57 -17.88
CA LEU A 113 -7.17 -14.56 -18.66
C LEU A 113 -7.78 -14.59 -20.06
N PRO A 114 -6.96 -14.87 -21.08
CA PRO A 114 -7.53 -14.91 -22.43
C PRO A 114 -8.57 -16.02 -22.54
N GLY A 115 -9.44 -15.97 -23.53
CA GLY A 115 -10.37 -17.05 -23.80
C GLY A 115 -11.45 -17.25 -22.75
N GLY A 116 -11.79 -16.17 -22.05
CA GLY A 116 -12.82 -16.22 -21.03
C GLY A 116 -12.53 -17.17 -19.87
N HIS A 117 -11.26 -17.44 -19.61
CA HIS A 117 -10.90 -18.34 -18.51
C HIS A 117 -10.92 -17.69 -17.12
N GLY A 118 -11.24 -16.39 -17.05
CA GLY A 118 -11.51 -15.75 -15.77
C GLY A 118 -10.38 -14.90 -15.21
N PHE A 119 -10.64 -14.28 -14.06
CA PHE A 119 -9.63 -13.46 -13.37
C PHE A 119 -8.42 -14.31 -13.05
N SER A 120 -7.23 -13.71 -13.17
CA SER A 120 -5.97 -14.44 -13.10
C SER A 120 -5.50 -14.85 -11.69
N ASN A 121 -6.41 -15.35 -10.86
CA ASN A 121 -6.00 -15.98 -9.62
C ASN A 121 -5.48 -17.39 -9.90
N LEU A 122 -4.85 -17.99 -8.90
CA LEU A 122 -4.21 -19.29 -9.13
C LEU A 122 -5.23 -20.37 -9.52
N LYS A 123 -6.39 -20.36 -8.85
CA LYS A 123 -7.47 -21.30 -9.13
C LYS A 123 -7.83 -21.32 -10.61
N ASN A 124 -8.08 -20.14 -11.19
CA ASN A 124 -8.44 -20.04 -12.59
C ASN A 124 -7.29 -20.38 -13.53
N PHE A 125 -6.07 -20.02 -13.15
CA PHE A 125 -4.89 -20.36 -13.95
C PHE A 125 -4.72 -21.88 -14.04
N LEU A 126 -4.89 -22.57 -12.90
CA LEU A 126 -4.78 -24.04 -12.86
C LEU A 126 -5.88 -24.72 -13.69
N TRP A 127 -7.11 -24.23 -13.56
CA TRP A 127 -8.21 -24.77 -14.36
C TRP A 127 -7.92 -24.64 -15.87
N MET A 128 -7.40 -23.48 -16.26
CA MET A 128 -7.13 -23.21 -17.66
C MET A 128 -6.10 -24.18 -18.24
N HIS A 129 -5.10 -24.52 -17.42
CA HIS A 129 -4.02 -25.38 -17.88
C HIS A 129 -4.19 -26.85 -17.50
N ASP A 130 -5.34 -27.21 -16.92
CA ASP A 130 -5.47 -28.54 -16.30
C ASP A 130 -5.40 -29.73 -17.26
N GLN A 131 -5.72 -29.52 -18.54
CA GLN A 131 -5.61 -30.63 -19.49
C GLN A 131 -4.19 -30.85 -19.96
N ASP A 132 -3.33 -29.85 -19.81
CA ASP A 132 -1.94 -30.01 -20.22
C ASP A 132 -0.99 -29.15 -19.39
N PRO A 133 -0.76 -29.57 -18.13
CA PRO A 133 0.01 -28.77 -17.16
C PRO A 133 1.52 -28.99 -17.14
N TYR A 134 2.03 -29.96 -17.90
CA TYR A 134 3.45 -30.27 -17.85
C TYR A 134 4.26 -29.35 -18.76
N SER A 135 4.38 -28.09 -18.35
CA SER A 135 5.11 -27.09 -19.12
C SER A 135 6.00 -26.28 -18.19
N ASP A 136 7.03 -25.67 -18.74
CA ASP A 136 7.90 -24.81 -17.96
C ASP A 136 7.08 -23.70 -17.30
N LEU A 137 6.10 -23.18 -18.05
CA LEU A 137 5.27 -22.09 -17.53
C LEU A 137 4.54 -22.49 -16.25
N VAL A 138 3.88 -23.64 -16.27
CA VAL A 138 3.09 -24.02 -15.12
C VAL A 138 3.97 -24.36 -13.90
N ALA A 139 4.98 -25.20 -14.10
CA ALA A 139 5.86 -25.59 -13.00
C ALA A 139 6.57 -24.40 -12.36
N THR A 140 7.11 -23.52 -13.21
CA THR A 140 7.83 -22.35 -12.73
C THR A 140 6.90 -21.39 -11.96
N THR A 141 5.70 -21.18 -12.47
CA THR A 141 4.73 -20.34 -11.78
C THR A 141 4.37 -20.90 -10.40
N LEU A 142 4.15 -22.21 -10.32
CA LEU A 142 3.79 -22.82 -9.03
C LEU A 142 4.96 -22.82 -8.06
N ARG A 143 6.18 -22.99 -8.57
CA ARG A 143 7.34 -22.84 -7.69
C ARG A 143 7.39 -21.43 -7.12
N LYS A 144 7.05 -20.43 -7.93
CA LYS A 144 7.06 -19.05 -7.43
C LYS A 144 5.97 -18.81 -6.38
N VAL A 145 4.83 -19.49 -6.50
CA VAL A 145 3.81 -19.45 -5.46
C VAL A 145 4.39 -19.94 -4.14
N GLY A 146 5.08 -21.07 -4.18
CA GLY A 146 5.73 -21.61 -2.98
C GLY A 146 6.75 -20.66 -2.38
N ARG A 147 7.49 -19.95 -3.23
CA ARG A 147 8.47 -19.00 -2.75
C ARG A 147 7.81 -17.90 -1.95
N GLN A 148 6.66 -17.40 -2.43
CA GLN A 148 5.94 -16.40 -1.65
C GLN A 148 5.55 -16.90 -0.26
N ILE A 149 5.08 -18.13 -0.19
CA ILE A 149 4.63 -18.66 1.09
C ILE A 149 5.86 -18.88 1.97
N GLY A 150 6.95 -19.33 1.36
CA GLY A 150 8.20 -19.54 2.09
C GLY A 150 8.72 -18.25 2.72
N LEU A 151 8.69 -17.17 1.94
CA LEU A 151 9.13 -15.87 2.44
C LEU A 151 8.24 -15.41 3.60
N LEU A 152 6.94 -15.59 3.44
CA LEU A 152 5.99 -15.19 4.47
C LEU A 152 6.31 -15.92 5.78
N HIS A 153 6.49 -17.23 5.70
CA HIS A 153 6.69 -18.04 6.90
C HIS A 153 8.09 -17.85 7.48
N TRP A 154 9.09 -17.76 6.63
CA TRP A 154 10.44 -17.49 7.11
C TRP A 154 10.45 -16.26 8.01
N ASN A 155 9.70 -15.25 7.60
CA ASN A 155 9.66 -13.97 8.32
C ASN A 155 8.65 -13.95 9.45
N ASP A 156 8.13 -15.12 9.78
CA ASP A 156 7.23 -15.30 10.91
C ASP A 156 5.93 -14.52 10.76
N TYR A 157 5.33 -14.62 9.57
CA TYR A 157 3.97 -14.17 9.35
C TYR A 157 3.10 -15.36 8.93
N CYS A 158 1.81 -15.22 9.15
CA CYS A 158 0.81 -16.24 8.84
C CYS A 158 -0.30 -15.59 8.00
N HIS A 159 -0.78 -16.28 6.96
CA HIS A 159 -1.81 -15.71 6.09
C HIS A 159 -3.22 -15.85 6.68
N GLY A 160 -3.57 -17.06 7.14
CA GLY A 160 -4.84 -17.27 7.80
C GLY A 160 -5.98 -17.76 6.92
N ASP A 161 -5.87 -17.57 5.61
CA ASP A 161 -6.92 -18.00 4.69
C ASP A 161 -6.32 -18.28 3.33
N LEU A 162 -5.33 -19.17 3.33
CA LEU A 162 -4.47 -19.37 2.17
C LEU A 162 -5.06 -20.34 1.14
N THR A 163 -6.05 -19.84 0.41
CA THR A 163 -6.68 -20.60 -0.67
C THR A 163 -6.12 -20.18 -2.03
N SER A 164 -6.50 -20.92 -3.08
CA SER A 164 -6.05 -20.61 -4.43
C SER A 164 -6.70 -19.35 -5.01
N SER A 165 -7.71 -18.81 -4.31
CA SER A 165 -8.34 -17.55 -4.70
C SER A 165 -7.59 -16.34 -4.14
N ASN A 166 -6.77 -16.58 -3.12
CA ASN A 166 -6.04 -15.49 -2.47
C ASN A 166 -4.60 -15.39 -2.93
N ILE A 167 -4.34 -16.11 -4.02
CA ILE A 167 -3.07 -16.00 -4.72
C ILE A 167 -3.34 -15.45 -6.11
N VAL A 168 -2.83 -14.27 -6.40
CA VAL A 168 -3.16 -13.60 -7.67
C VAL A 168 -1.95 -13.48 -8.57
N LEU A 169 -2.09 -13.89 -9.83
CA LEU A 169 -0.97 -13.85 -10.77
C LEU A 169 -0.96 -12.54 -11.54
N VAL A 170 0.19 -11.86 -11.53
CA VAL A 170 0.38 -10.62 -12.28
C VAL A 170 1.24 -10.92 -13.50
N ARG A 171 0.82 -10.44 -14.67
CA ARG A 171 1.54 -10.76 -15.90
C ARG A 171 2.85 -9.98 -15.96
N ASP A 172 3.93 -10.67 -16.30
CA ASP A 172 5.21 -10.02 -16.55
C ASP A 172 5.75 -10.60 -17.85
N GLY A 173 5.36 -9.99 -18.97
CA GLY A 173 5.69 -10.52 -20.27
C GLY A 173 5.06 -11.89 -20.49
N ALA A 174 5.90 -12.90 -20.70
CA ALA A 174 5.39 -14.25 -20.90
C ALA A 174 5.33 -15.02 -19.59
N ARG A 175 5.73 -14.36 -18.50
CA ARG A 175 5.75 -14.98 -17.18
C ARG A 175 4.59 -14.49 -16.32
N TRP A 176 4.37 -15.18 -15.21
CA TRP A 176 3.40 -14.76 -14.21
C TRP A 176 4.11 -14.55 -12.88
N THR A 177 3.75 -13.48 -12.17
CA THR A 177 4.35 -13.20 -10.86
C THR A 177 3.32 -13.31 -9.73
N PRO A 178 3.33 -14.42 -8.98
CA PRO A 178 2.37 -14.58 -7.88
C PRO A 178 2.45 -13.51 -6.79
N HIS A 179 1.28 -13.01 -6.40
CA HIS A 179 1.14 -12.05 -5.30
C HIS A 179 0.14 -12.64 -4.31
N LEU A 180 0.22 -12.24 -3.04
CA LEU A 180 -0.76 -12.67 -2.02
C LEU A 180 -1.72 -11.53 -1.70
N ILE A 181 -3.00 -11.86 -1.60
CA ILE A 181 -4.04 -10.90 -1.21
C ILE A 181 -4.85 -11.41 -0.01
N ASP A 182 -5.65 -10.51 0.57
CA ASP A 182 -6.60 -10.82 1.65
C ASP A 182 -5.94 -11.24 2.96
N PHE A 183 -5.47 -10.24 3.71
CA PHE A 183 -4.78 -10.47 4.98
C PHE A 183 -5.67 -10.19 6.20
N GLY A 184 -6.99 -10.23 5.97
CA GLY A 184 -7.97 -10.05 7.01
C GLY A 184 -7.79 -10.97 8.22
N LEU A 185 -7.39 -12.22 7.97
CA LEU A 185 -7.14 -13.19 9.02
C LEU A 185 -5.65 -13.44 9.25
N GLY A 186 -4.80 -12.53 8.77
CA GLY A 186 -3.37 -12.68 8.90
C GLY A 186 -2.87 -12.40 10.31
N SER A 187 -1.62 -12.75 10.59
CA SER A 187 -1.06 -12.51 11.90
C SER A 187 0.47 -12.55 11.88
N VAL A 188 1.09 -11.97 12.90
CA VAL A 188 2.52 -12.14 13.11
C VAL A 188 2.64 -13.39 13.97
N SER A 189 3.56 -14.29 13.62
CA SER A 189 3.63 -15.55 14.32
C SER A 189 4.88 -16.37 13.99
N ASN A 190 5.54 -16.84 15.04
CA ASN A 190 6.69 -17.73 14.87
C ASN A 190 6.36 -19.17 15.25
N LEU A 191 5.07 -19.47 15.37
CA LEU A 191 4.60 -20.81 15.67
C LEU A 191 4.63 -21.71 14.43
N VAL A 192 5.29 -22.87 14.55
CA VAL A 192 5.29 -23.83 13.44
C VAL A 192 3.91 -24.42 13.20
N GLU A 193 3.08 -24.43 14.24
CA GLU A 193 1.71 -24.91 14.08
C GLU A 193 0.93 -24.02 13.12
N ASP A 194 1.10 -22.71 13.25
CA ASP A 194 0.44 -21.76 12.34
C ASP A 194 0.92 -21.99 10.90
N LYS A 195 2.22 -22.23 10.73
CA LYS A 195 2.80 -22.43 9.41
C LYS A 195 2.25 -23.70 8.77
N GLY A 196 2.20 -24.78 9.53
CA GLY A 196 1.68 -26.03 9.01
C GLY A 196 0.23 -25.95 8.59
N VAL A 197 -0.57 -25.23 9.37
CA VAL A 197 -1.98 -25.06 9.03
C VAL A 197 -2.15 -24.20 7.76
N ASP A 198 -1.33 -23.16 7.59
CA ASP A 198 -1.39 -22.37 6.35
C ASP A 198 -1.14 -23.29 5.17
N LEU A 199 -0.07 -24.08 5.26
CA LEU A 199 0.29 -24.99 4.16
C LEU A 199 -0.82 -25.99 3.89
N TYR A 200 -1.39 -26.54 4.96
CA TYR A 200 -2.45 -27.53 4.83
C TYR A 200 -3.71 -26.95 4.18
N VAL A 201 -4.09 -25.73 4.54
CA VAL A 201 -5.26 -25.11 3.92
C VAL A 201 -5.07 -24.98 2.41
N LEU A 202 -3.89 -24.53 1.98
CA LEU A 202 -3.62 -24.45 0.52
C LEU A 202 -3.62 -25.83 -0.14
N GLU A 203 -2.94 -26.78 0.48
CA GLU A 203 -2.93 -28.14 -0.05
C GLU A 203 -4.34 -28.66 -0.26
N ARG A 204 -5.21 -28.46 0.73
CA ARG A 204 -6.58 -28.95 0.61
C ARG A 204 -7.41 -28.18 -0.43
N ALA A 205 -7.17 -26.87 -0.55
CA ALA A 205 -7.90 -26.07 -1.51
C ALA A 205 -7.55 -26.54 -2.93
N ILE A 206 -6.27 -26.82 -3.13
CA ILE A 206 -5.80 -27.33 -4.42
C ILE A 206 -6.33 -28.74 -4.70
N LEU A 207 -6.37 -29.59 -3.68
CA LEU A 207 -6.89 -30.96 -3.84
C LEU A 207 -8.39 -30.98 -4.14
N SER A 208 -9.10 -29.95 -3.69
CA SER A 208 -10.55 -29.93 -3.72
C SER A 208 -11.14 -29.85 -5.14
N THR A 209 -10.30 -29.56 -6.12
CA THR A 209 -10.77 -29.52 -7.52
C THR A 209 -10.91 -30.92 -8.08
N HIS A 210 -10.38 -31.90 -7.35
CA HIS A 210 -10.41 -33.28 -7.80
C HIS A 210 -9.57 -33.51 -9.06
N SER A 211 -8.76 -32.52 -9.43
CA SER A 211 -7.90 -32.67 -10.61
C SER A 211 -6.93 -33.84 -10.45
N LYS A 212 -6.72 -34.57 -11.55
CA LYS A 212 -5.76 -35.66 -11.57
C LYS A 212 -4.35 -35.16 -11.32
N HIS A 213 -4.15 -33.86 -11.47
CA HIS A 213 -2.82 -33.28 -11.38
C HIS A 213 -2.60 -32.50 -10.09
N ALA A 214 -3.58 -32.51 -9.20
CA ALA A 214 -3.52 -31.69 -7.99
C ALA A 214 -2.32 -32.03 -7.11
N GLU A 215 -1.99 -33.31 -7.00
CA GLU A 215 -0.82 -33.71 -6.20
C GLU A 215 0.47 -33.12 -6.76
N LYS A 216 0.58 -33.07 -8.07
CA LYS A 216 1.77 -32.52 -8.71
C LYS A 216 1.87 -31.02 -8.47
N TYR A 217 0.74 -30.33 -8.55
CA TYR A 217 0.73 -28.88 -8.30
C TYR A 217 1.26 -28.60 -6.89
N ASN A 218 0.78 -29.36 -5.92
CA ASN A 218 1.18 -29.13 -4.54
C ASN A 218 2.67 -29.45 -4.40
N ALA A 219 3.14 -30.46 -5.13
CA ALA A 219 4.57 -30.81 -5.13
C ALA A 219 5.44 -29.66 -5.64
N TRP A 220 5.02 -29.00 -6.72
CA TRP A 220 5.75 -27.86 -7.26
C TRP A 220 5.75 -26.67 -6.29
N ILE A 221 4.61 -26.42 -5.66
CA ILE A 221 4.52 -25.37 -4.65
C ILE A 221 5.51 -25.65 -3.52
N MET A 222 5.52 -26.88 -3.02
CA MET A 222 6.43 -27.21 -1.92
C MET A 222 7.90 -27.09 -2.32
N GLU A 223 8.22 -27.37 -3.58
CA GLU A 223 9.58 -27.16 -4.06
C GLU A 223 10.02 -25.70 -3.88
N GLY A 224 9.14 -24.77 -4.26
CA GLY A 224 9.43 -23.35 -4.10
C GLY A 224 9.57 -22.94 -2.65
N PHE A 225 8.70 -23.46 -1.78
CA PHE A 225 8.75 -23.19 -0.35
C PHE A 225 10.10 -23.64 0.23
N GLU A 226 10.51 -24.86 -0.12
CA GLU A 226 11.74 -25.42 0.42
C GLU A 226 12.97 -24.65 -0.05
N GLU A 227 12.93 -24.19 -1.30
CA GLU A 227 14.05 -23.43 -1.86
C GLU A 227 14.35 -22.19 -1.00
N VAL A 228 13.31 -21.50 -0.54
CA VAL A 228 13.49 -20.30 0.26
C VAL A 228 14.24 -20.60 1.56
N TYR A 229 13.84 -21.70 2.19
CA TYR A 229 14.44 -22.08 3.47
C TYR A 229 15.88 -22.54 3.30
N ARG A 230 16.14 -23.27 2.23
CA ARG A 230 17.50 -23.77 1.98
C ARG A 230 18.47 -22.67 1.60
N GLU A 231 17.95 -21.54 1.12
CA GLU A 231 18.76 -20.37 0.81
C GLU A 231 19.26 -19.69 2.08
N GLN A 232 18.73 -20.11 3.24
CA GLN A 232 19.11 -19.52 4.52
C GLN A 232 20.09 -20.42 5.30
N GLY A 233 20.94 -21.15 4.57
CA GLY A 233 22.00 -21.93 5.17
C GLY A 233 21.55 -22.99 6.15
N ALA A 234 22.42 -23.31 7.10
CA ALA A 234 22.15 -24.38 8.06
C ALA A 234 20.93 -24.05 8.93
N LYS A 235 20.77 -22.77 9.25
CA LYS A 235 19.65 -22.33 10.08
C LYS A 235 18.33 -22.58 9.35
N GLY A 236 18.31 -22.24 8.07
CA GLY A 236 17.13 -22.47 7.24
C GLY A 236 16.80 -23.94 7.14
N ALA A 237 17.82 -24.77 6.99
CA ALA A 237 17.64 -26.21 6.88
C ALA A 237 16.99 -26.81 8.13
N LYS A 238 17.41 -26.33 9.30
CA LYS A 238 16.85 -26.79 10.57
C LYS A 238 15.41 -26.34 10.73
N LYS A 239 15.14 -25.09 10.39
CA LYS A 239 13.79 -24.54 10.49
C LYS A 239 12.84 -25.25 9.53
N LEU A 240 13.33 -25.57 8.34
CA LEU A 240 12.53 -26.27 7.35
C LEU A 240 12.13 -27.66 7.86
N LYS A 241 13.08 -28.38 8.47
CA LYS A 241 12.76 -29.69 9.02
C LYS A 241 11.64 -29.58 10.04
N GLU A 242 11.72 -28.57 10.90
CA GLU A 242 10.66 -28.31 11.88
C GLU A 242 9.31 -28.12 11.22
N VAL A 243 9.25 -27.24 10.22
CA VAL A 243 7.98 -26.94 9.55
C VAL A 243 7.41 -28.16 8.84
N THR A 244 8.25 -28.86 8.08
CA THR A 244 7.78 -30.00 7.31
C THR A 244 7.27 -31.12 8.22
N LYS A 245 7.92 -31.29 9.37
CA LYS A 245 7.47 -32.30 10.32
C LYS A 245 6.08 -31.96 10.83
N ARG A 246 5.89 -30.71 11.24
CA ARG A 246 4.60 -30.26 11.75
C ARG A 246 3.54 -30.37 10.66
N PHE A 247 3.88 -29.93 9.45
CA PHE A 247 2.99 -30.06 8.31
C PHE A 247 2.50 -31.51 8.14
N GLU A 248 3.40 -32.47 8.31
CA GLU A 248 3.02 -33.88 8.22
C GLU A 248 2.04 -34.27 9.34
N GLU A 249 2.28 -33.76 10.55
CA GLU A 249 1.39 -34.00 11.67
C GLU A 249 0.02 -33.39 11.43
N VAL A 250 -0.01 -32.17 10.88
CA VAL A 250 -1.28 -31.53 10.57
C VAL A 250 -2.07 -32.35 9.54
N ARG A 251 -1.39 -32.88 8.54
CA ARG A 251 -2.06 -33.70 7.53
C ARG A 251 -2.69 -34.92 8.20
N LEU A 252 -1.96 -35.52 9.14
CA LEU A 252 -2.45 -36.71 9.85
C LEU A 252 -3.71 -36.38 10.66
N ARG A 253 -3.65 -35.28 11.41
CA ARG A 253 -4.77 -34.82 12.22
C ARG A 253 -5.89 -34.16 11.40
N GLY A 254 -5.68 -34.07 10.09
CA GLY A 254 -6.64 -33.43 9.20
C GLY A 254 -7.79 -34.30 8.75
N ARG A 255 -7.60 -35.62 8.82
CA ARG A 255 -8.64 -36.55 8.38
C ARG A 255 -8.99 -37.55 9.49
N LYS A 256 -10.19 -38.11 9.40
CA LYS A 256 -10.68 -39.01 10.42
C LYS A 256 -9.66 -40.07 10.83
N ARG A 257 -9.59 -40.34 12.13
CA ARG A 257 -8.75 -41.39 12.67
C ARG A 257 -9.56 -42.19 13.69
N MET B 1 1.98 26.86 -9.41
CA MET B 1 1.27 26.30 -8.26
C MET B 1 0.15 25.42 -8.76
N VAL B 2 -0.33 24.52 -7.91
CA VAL B 2 -1.47 23.66 -8.26
C VAL B 2 -2.62 23.81 -7.28
N VAL B 3 -3.86 23.78 -7.79
CA VAL B 3 -5.03 23.78 -6.93
C VAL B 3 -5.76 22.46 -7.15
N SER B 4 -6.00 21.74 -6.06
CA SER B 4 -6.49 20.35 -6.10
C SER B 4 -7.68 20.10 -5.20
N ILE B 5 -8.44 19.04 -5.51
CA ILE B 5 -9.50 18.53 -4.65
C ILE B 5 -9.31 17.02 -4.40
N ILE B 6 -9.63 16.58 -3.19
CA ILE B 6 -9.71 15.16 -2.86
C ILE B 6 -11.13 14.71 -3.25
N PRO B 7 -11.26 13.61 -4.02
CA PRO B 7 -12.58 13.30 -4.59
C PRO B 7 -13.75 13.25 -3.61
N GLN B 8 -13.58 12.62 -2.45
CA GLN B 8 -14.71 12.48 -1.55
C GLN B 8 -14.98 13.73 -0.69
N PHE B 9 -14.14 14.74 -0.85
CA PHE B 9 -14.27 16.04 -0.17
C PHE B 9 -14.32 17.19 -1.20
N PRO B 10 -15.40 17.24 -1.98
CA PRO B 10 -15.46 18.11 -3.16
C PRO B 10 -15.34 19.63 -2.90
N ASP B 11 -15.71 20.08 -1.71
CA ASP B 11 -15.78 21.52 -1.43
C ASP B 11 -14.51 22.11 -0.82
N ILE B 12 -13.54 21.27 -0.49
CA ILE B 12 -12.27 21.75 0.06
C ILE B 12 -11.22 21.77 -1.04
N LYS B 13 -10.59 22.93 -1.25
CA LYS B 13 -9.52 23.01 -2.23
C LYS B 13 -8.21 23.16 -1.49
N VAL B 14 -7.14 22.64 -2.07
CA VAL B 14 -5.81 22.79 -1.50
C VAL B 14 -4.88 23.38 -2.55
N SER B 15 -4.15 24.42 -2.18
CA SER B 15 -3.13 24.96 -3.09
C SER B 15 -1.76 24.49 -2.63
N LEU B 16 -0.93 24.12 -3.59
CA LEU B 16 0.47 23.70 -3.32
C LEU B 16 1.43 24.45 -4.24
N ALA B 17 2.46 25.06 -3.67
CA ALA B 17 3.50 25.73 -4.45
C ALA B 17 4.89 25.33 -3.95
N LEU B 18 5.84 25.23 -4.87
CA LEU B 18 7.21 24.84 -4.55
C LEU B 18 8.16 26.01 -4.85
N PHE B 19 9.04 26.34 -3.92
CA PHE B 19 10.00 27.43 -4.13
C PHE B 19 11.43 26.93 -3.97
N GLU B 20 12.35 27.43 -4.79
CA GLU B 20 13.78 27.14 -4.61
C GLU B 20 14.57 28.45 -4.43
N GLN B 21 15.87 28.34 -4.16
CA GLN B 21 16.70 29.49 -3.83
C GLN B 21 16.04 30.42 -2.80
N VAL B 22 15.45 29.82 -1.75
CA VAL B 22 14.78 30.61 -0.73
C VAL B 22 15.81 31.30 0.16
N LYS B 23 15.63 32.60 0.39
CA LYS B 23 16.62 33.39 1.12
C LYS B 23 16.20 33.80 2.53
N ASN B 24 14.93 33.65 2.87
CA ASN B 24 14.40 34.21 4.11
C ASN B 24 13.62 33.24 4.99
N ALA B 25 14.06 31.99 5.04
CA ALA B 25 13.36 30.98 5.84
C ALA B 25 13.32 31.37 7.32
N LYS B 26 14.44 31.87 7.83
CA LYS B 26 14.50 32.31 9.22
C LYS B 26 13.42 33.36 9.51
N GLU B 27 13.31 34.33 8.61
CA GLU B 27 12.30 35.38 8.75
C GLU B 27 10.88 34.80 8.76
N ILE B 28 10.59 33.93 7.78
CA ILE B 28 9.27 33.30 7.73
C ILE B 28 8.93 32.60 9.04
N ARG B 29 9.85 31.81 9.56
CA ARG B 29 9.62 31.10 10.82
C ARG B 29 9.33 32.06 11.97
N SER B 30 10.04 33.16 12.01
CA SER B 30 9.88 34.12 13.11
C SER B 30 8.51 34.82 13.04
N LYS B 31 7.92 34.85 11.86
CA LYS B 31 6.62 35.49 11.66
C LYS B 31 5.46 34.50 11.62
N MET B 32 5.72 33.24 11.93
CA MET B 32 4.67 32.23 11.96
C MET B 32 3.86 32.30 13.26
N SER B 38 -2.92 32.38 6.46
CA SER B 38 -2.53 31.11 7.09
C SER B 38 -2.06 30.08 6.06
N PHE B 39 -0.84 29.57 6.26
CA PHE B 39 -0.22 28.62 5.36
C PHE B 39 0.52 27.59 6.20
N ALA B 40 0.82 26.43 5.63
CA ALA B 40 1.85 25.56 6.18
C ALA B 40 3.08 25.70 5.30
N PHE B 41 4.25 25.81 5.92
CA PHE B 41 5.51 25.87 5.20
C PHE B 41 6.32 24.61 5.48
N ILE B 42 6.41 23.75 4.46
CA ILE B 42 6.91 22.38 4.63
C ILE B 42 8.31 22.18 4.02
N ASP B 43 9.13 21.42 4.72
CA ASP B 43 10.51 21.15 4.28
C ASP B 43 10.54 20.06 3.19
N PRO B 44 10.85 20.44 1.94
CA PRO B 44 10.87 19.47 0.84
C PRO B 44 11.92 18.37 1.01
N ARG B 45 12.88 18.54 1.92
CA ARG B 45 13.83 17.46 2.13
C ARG B 45 13.14 16.15 2.55
N LEU B 46 11.92 16.27 3.09
CA LEU B 46 11.18 15.11 3.61
C LEU B 46 10.06 14.65 2.66
N VAL B 47 9.93 15.32 1.52
CA VAL B 47 8.84 15.02 0.58
C VAL B 47 9.40 14.59 -0.78
N CYS B 48 9.22 13.32 -1.13
CA CYS B 48 9.80 12.81 -2.37
C CYS B 48 8.84 12.79 -3.55
N SER B 49 7.54 12.95 -3.31
CA SER B 49 6.55 12.81 -4.39
C SER B 49 5.23 13.49 -4.08
N GLY B 50 4.48 13.76 -5.13
CA GLY B 50 3.13 14.24 -4.97
C GLY B 50 2.27 13.17 -4.31
N GLU B 51 2.49 11.92 -4.67
CA GLU B 51 1.73 10.83 -4.05
C GLU B 51 1.81 10.90 -2.52
N GLN B 52 3.02 11.06 -1.99
CA GLN B 52 3.18 11.20 -0.55
C GLN B 52 2.43 12.42 0.03
N MET B 53 2.58 13.58 -0.61
CA MET B 53 1.95 14.81 -0.14
C MET B 53 0.44 14.68 -0.16
N TYR B 54 -0.09 14.21 -1.29
CA TYR B 54 -1.54 14.04 -1.39
C TYR B 54 -2.10 13.00 -0.43
N SER B 55 -1.33 11.96 -0.11
CA SER B 55 -1.81 10.96 0.84
C SER B 55 -1.97 11.59 2.23
N ALA B 56 -1.10 12.56 2.55
CA ALA B 56 -1.23 13.28 3.83
C ALA B 56 -2.41 14.24 3.86
N ILE B 57 -2.71 14.86 2.73
CA ILE B 57 -3.90 15.71 2.61
C ILE B 57 -5.15 14.85 2.82
N TYR B 58 -5.16 13.67 2.20
CA TYR B 58 -6.28 12.73 2.38
C TYR B 58 -6.44 12.38 3.85
N LYS B 59 -5.35 11.95 4.47
CA LYS B 59 -5.37 11.58 5.89
C LYS B 59 -5.88 12.71 6.77
N THR B 60 -5.46 13.95 6.47
CA THR B 60 -5.87 15.11 7.24
C THR B 60 -7.39 15.22 7.26
N LEU B 61 -7.98 15.12 6.08
CA LEU B 61 -9.41 15.30 5.94
C LEU B 61 -10.20 14.13 6.57
N ILE B 62 -9.69 12.91 6.42
CA ILE B 62 -10.30 11.76 7.10
C ILE B 62 -10.27 11.94 8.62
N GLU B 63 -9.11 12.35 9.13
CA GLU B 63 -8.97 12.52 10.57
C GLU B 63 -9.90 13.60 11.12
N VAL B 64 -10.00 14.73 10.42
CA VAL B 64 -10.76 15.87 10.93
C VAL B 64 -12.26 15.61 10.85
N LYS B 65 -12.69 14.98 9.76
CA LYS B 65 -14.12 14.70 9.54
C LYS B 65 -14.63 13.58 10.41
N TYR B 66 -13.83 12.51 10.56
CA TYR B 66 -14.32 11.29 11.19
C TYR B 66 -13.69 10.92 12.54
N ASN B 67 -12.65 11.64 12.95
CA ASN B 67 -12.04 11.41 14.26
C ASN B 67 -11.91 12.74 15.02
N LYS B 68 -10.69 13.16 15.35
CA LYS B 68 -10.48 14.38 16.14
C LYS B 68 -9.35 15.22 15.57
N MET B 69 -9.60 16.51 15.32
CA MET B 69 -8.51 17.42 15.00
C MET B 69 -7.68 17.69 16.25
N ARG B 70 -6.35 17.63 16.11
CA ARG B 70 -5.43 17.81 17.24
C ARG B 70 -4.85 19.20 17.30
N THR B 71 -4.72 19.86 16.14
CA THR B 71 -4.00 21.13 16.04
C THR B 71 -4.95 22.28 15.72
N ARG B 72 -4.37 23.45 15.48
CA ARG B 72 -5.15 24.67 15.29
C ARG B 72 -6.07 24.66 14.08
N ASN B 73 -5.52 24.26 12.93
CA ASN B 73 -6.28 24.26 11.69
C ASN B 73 -5.85 23.18 10.69
N LEU B 74 -6.49 23.15 9.53
CA LEU B 74 -6.21 22.09 8.56
C LEU B 74 -4.76 22.16 8.08
N ASN B 75 -4.22 23.37 7.92
CA ASN B 75 -2.84 23.50 7.46
C ASN B 75 -1.86 22.85 8.42
N SER B 76 -2.01 23.16 9.70
CA SER B 76 -1.14 22.54 10.70
C SER B 76 -1.41 21.04 10.86
N GLU B 77 -2.67 20.62 10.74
CA GLU B 77 -3.00 19.20 10.88
C GLU B 77 -2.29 18.39 9.79
N CYS B 78 -2.11 18.99 8.61
CA CYS B 78 -1.51 18.25 7.48
C CYS B 78 -0.01 18.05 7.71
N VAL B 79 0.62 19.02 8.39
CA VAL B 79 2.03 18.84 8.73
C VAL B 79 2.16 17.64 9.67
N LEU B 80 1.26 17.54 10.65
CA LEU B 80 1.24 16.42 11.56
C LEU B 80 1.01 15.11 10.78
N CYS B 81 0.08 15.15 9.82
CA CYS B 81 -0.23 13.94 9.07
C CYS B 81 0.89 13.45 8.15
N LEU B 82 1.86 14.30 7.81
CA LEU B 82 3.06 13.84 7.10
C LEU B 82 3.95 12.93 7.95
N SER B 83 3.88 13.09 9.26
CA SER B 83 4.77 12.37 10.19
C SER B 83 4.31 10.93 10.43
N PRO B 84 5.25 10.02 10.75
CA PRO B 84 4.92 8.64 11.09
C PRO B 84 4.38 8.47 12.52
N THR B 85 4.56 9.50 13.33
CA THR B 85 4.20 9.44 14.75
C THR B 85 3.32 10.63 15.19
N SER B 86 2.86 10.60 16.43
CA SER B 86 1.77 11.48 16.82
C SER B 86 2.13 12.68 17.70
N ASN B 87 3.42 12.87 17.98
CA ASN B 87 3.84 14.04 18.72
C ASN B 87 3.82 15.27 17.82
N ILE B 88 2.96 16.22 18.16
CA ILE B 88 2.76 17.41 17.31
C ILE B 88 4.01 18.27 17.17
N SER B 89 4.69 18.59 18.27
CA SER B 89 5.89 19.41 18.19
C SER B 89 7.00 18.79 17.35
N ASP B 90 7.15 17.47 17.47
CA ASP B 90 8.15 16.74 16.69
C ASP B 90 7.84 16.84 15.19
N ALA B 91 6.58 16.65 14.84
CA ALA B 91 6.15 16.75 13.44
C ALA B 91 6.42 18.15 12.89
N PHE B 92 6.01 19.18 13.65
CA PHE B 92 6.25 20.57 13.22
C PHE B 92 7.75 20.86 13.01
N LEU B 93 8.58 20.35 13.91
CA LEU B 93 10.02 20.57 13.80
C LEU B 93 10.62 19.85 12.59
N LYS B 94 10.32 18.55 12.46
CA LYS B 94 10.93 17.74 11.41
C LYS B 94 10.38 18.05 10.01
N PHE B 95 9.08 18.28 9.90
CA PHE B 95 8.49 18.50 8.58
C PHE B 95 8.27 19.96 8.20
N GLY B 96 8.40 20.86 9.16
CA GLY B 96 8.29 22.30 8.90
C GLY B 96 9.61 22.85 8.40
N ILE B 97 9.59 24.01 7.74
CA ILE B 97 10.86 24.57 7.27
C ILE B 97 11.80 24.85 8.42
N LYS B 98 13.07 24.99 8.10
CA LYS B 98 14.07 25.26 9.12
C LYS B 98 14.75 26.58 8.80
N ASP B 99 15.49 27.12 9.77
CA ASP B 99 16.20 28.37 9.49
C ASP B 99 17.09 28.29 8.26
N ASP B 100 17.64 27.10 7.99
CA ASP B 100 18.54 26.91 6.87
C ASP B 100 17.88 26.44 5.57
N SER B 101 16.54 26.40 5.54
CA SER B 101 15.86 25.89 4.35
C SER B 101 16.11 26.74 3.11
N SER B 102 16.55 26.09 2.03
CA SER B 102 16.74 26.76 0.76
C SER B 102 15.64 26.42 -0.25
N GLN B 103 14.76 25.49 0.11
CA GLN B 103 13.51 25.28 -0.66
C GLN B 103 12.35 25.16 0.32
N LEU B 104 11.14 25.41 -0.16
CA LEU B 104 9.94 25.12 0.63
C LEU B 104 8.72 24.77 -0.20
N ILE B 105 7.82 24.04 0.43
CA ILE B 105 6.48 23.83 -0.11
C ILE B 105 5.53 24.72 0.68
N CYS B 106 4.71 25.50 -0.04
CA CYS B 106 3.74 26.38 0.60
C CYS B 106 2.35 25.81 0.37
N LEU B 107 1.69 25.39 1.45
CA LEU B 107 0.42 24.68 1.38
C LEU B 107 -0.69 25.48 2.03
N LYS B 108 -1.87 25.49 1.42
CA LYS B 108 -3.02 26.12 2.07
C LYS B 108 -4.33 25.44 1.74
N PHE B 109 -5.14 25.18 2.76
CA PHE B 109 -6.49 24.63 2.58
C PHE B 109 -7.48 25.78 2.41
N HIS B 110 -8.40 25.59 1.47
CA HIS B 110 -9.40 26.61 1.19
C HIS B 110 -10.76 25.99 1.41
N THR B 111 -11.45 26.44 2.46
CA THR B 111 -12.77 25.90 2.79
C THR B 111 -13.87 26.86 2.33
N ASP B 114 -16.40 28.62 -2.54
CA ASP B 114 -16.07 29.52 -3.63
C ASP B 114 -14.78 29.09 -4.33
N ASP B 115 -14.47 29.71 -5.46
CA ASP B 115 -13.27 29.41 -6.21
C ASP B 115 -12.09 30.24 -5.72
N VAL B 116 -10.91 29.62 -5.58
CA VAL B 116 -9.75 30.37 -5.09
C VAL B 116 -9.21 31.42 -6.06
N ASP B 117 -8.99 32.62 -5.52
CA ASP B 117 -8.45 33.73 -6.29
C ASP B 117 -6.95 33.55 -6.43
N LYS B 118 -6.53 33.02 -7.59
CA LYS B 118 -5.15 32.61 -7.81
C LYS B 118 -4.13 33.75 -7.88
N GLU B 119 -4.50 34.85 -8.55
CA GLU B 119 -3.58 35.97 -8.67
C GLU B 119 -3.28 36.55 -7.29
N GLN B 120 -4.31 36.68 -6.48
CA GLN B 120 -4.17 37.18 -5.12
C GLN B 120 -3.29 36.23 -4.32
N LEU B 121 -3.50 34.94 -4.51
CA LEU B 121 -2.73 33.94 -3.76
C LEU B 121 -1.24 34.02 -4.08
N ARG B 122 -0.92 34.18 -5.36
CA ARG B 122 0.46 34.27 -5.80
C ARG B 122 1.12 35.52 -5.23
N THR B 123 0.37 36.62 -5.22
CA THR B 123 0.87 37.86 -4.63
C THR B 123 1.17 37.69 -3.14
N ILE B 124 0.26 37.04 -2.40
CA ILE B 124 0.48 36.82 -0.98
C ILE B 124 1.72 35.95 -0.74
N MET B 125 1.84 34.85 -1.48
CA MET B 125 2.99 33.96 -1.29
C MET B 125 4.30 34.67 -1.60
N THR B 126 4.30 35.49 -2.64
CA THR B 126 5.52 36.20 -3.03
C THR B 126 5.87 37.31 -2.02
N SER B 127 4.89 37.81 -1.29
CA SER B 127 5.17 38.82 -0.27
C SER B 127 5.78 38.18 0.97
N ILE B 128 5.62 36.86 1.09
CA ILE B 128 6.14 36.17 2.26
C ILE B 128 7.49 35.53 1.98
N VAL B 129 7.57 34.87 0.82
CA VAL B 129 8.73 34.06 0.46
C VAL B 129 9.69 34.80 -0.46
N LYS B 130 10.95 34.90 -0.03
CA LYS B 130 12.01 35.41 -0.90
C LYS B 130 12.67 34.23 -1.58
N GLY B 131 12.22 33.91 -2.78
CA GLY B 131 12.72 32.77 -3.53
C GLY B 131 12.00 32.64 -4.86
N GLN B 132 12.35 31.62 -5.63
CA GLN B 132 11.84 31.46 -6.98
C GLN B 132 10.86 30.28 -7.05
N GLU B 133 9.62 30.58 -7.40
CA GLU B 133 8.66 29.49 -7.60
C GLU B 133 8.99 28.65 -8.84
N ILE B 134 8.85 27.33 -8.69
CA ILE B 134 9.00 26.39 -9.79
C ILE B 134 7.76 25.48 -9.76
N GLU B 135 7.54 24.72 -10.82
CA GLU B 135 6.32 23.90 -10.86
C GLU B 135 6.27 22.86 -9.75
N PHE B 136 5.11 22.73 -9.11
CA PHE B 136 4.89 21.64 -8.15
C PHE B 136 4.60 20.35 -8.91
N ASN B 137 5.63 19.53 -9.06
CA ASN B 137 5.55 18.25 -9.77
C ASN B 137 6.63 17.29 -9.31
N ASP B 138 6.54 16.03 -9.73
CA ASP B 138 7.51 15.03 -9.28
C ASP B 138 8.93 15.27 -9.81
N ASP B 139 9.06 15.80 -11.01
CA ASP B 139 10.40 16.10 -11.53
C ASP B 139 11.11 17.05 -10.58
N ASN B 140 10.42 18.10 -10.15
CA ASN B 140 11.05 19.05 -9.22
C ASN B 140 11.20 18.52 -7.78
N LEU B 141 10.20 17.82 -7.27
CA LEU B 141 10.35 17.23 -5.93
C LEU B 141 11.52 16.23 -5.88
N SER B 142 11.81 15.60 -7.01
CA SER B 142 12.88 14.60 -7.05
C SER B 142 14.26 15.26 -6.91
N ARG B 143 14.32 16.57 -7.07
CA ARG B 143 15.60 17.28 -6.90
C ARG B 143 15.98 17.46 -5.44
N PHE B 144 14.99 17.62 -4.57
CA PHE B 144 15.24 18.18 -3.24
C PHE B 144 15.04 17.23 -2.05
N TYR B 145 14.46 16.06 -2.26
CA TYR B 145 14.29 15.16 -1.13
C TYR B 145 15.63 14.54 -0.72
N ASP B 146 15.75 14.25 0.57
CA ASP B 146 16.96 13.69 1.15
C ASP B 146 16.62 12.28 1.62
N GLU B 147 16.96 11.27 0.83
CA GLU B 147 16.63 9.89 1.20
C GLU B 147 17.19 9.46 2.55
N ALA B 148 18.42 9.86 2.88
CA ALA B 148 18.99 9.43 4.15
C ALA B 148 18.18 9.98 5.31
N LEU B 149 17.76 11.23 5.20
CA LEU B 149 16.99 11.88 6.26
C LEU B 149 15.59 11.24 6.33
N ILE B 150 15.00 11.02 5.17
CA ILE B 150 13.71 10.32 5.13
C ILE B 150 13.78 8.95 5.85
N ARG B 151 14.83 8.18 5.56
CA ARG B 151 15.01 6.88 6.20
C ARG B 151 15.10 6.97 7.73
N LYS B 152 15.78 8.01 8.23
CA LYS B 152 15.93 8.18 9.66
C LYS B 152 14.59 8.56 10.27
N ILE B 153 13.90 9.51 9.65
CA ILE B 153 12.67 10.04 10.21
C ILE B 153 11.50 9.05 10.14
N TYR B 154 11.39 8.34 9.03
CA TYR B 154 10.31 7.35 8.87
C TYR B 154 10.72 5.97 9.39
N LYS B 155 11.91 5.89 9.98
CA LYS B 155 12.41 4.65 10.58
C LYS B 155 12.43 3.45 9.63
N LEU B 156 12.96 3.66 8.42
CA LEU B 156 13.06 2.59 7.43
C LEU B 156 14.34 1.79 7.62
N SER B 157 14.23 0.46 7.53
CA SER B 157 15.39 -0.42 7.69
C SER B 157 16.32 -0.38 6.48
N ASP B 158 17.62 -0.58 6.71
CA ASP B 158 18.57 -0.63 5.60
C ASP B 158 18.28 -1.77 4.63
N ASP B 159 17.55 -2.79 5.08
CA ASP B 159 17.21 -3.92 4.23
C ASP B 159 16.17 -3.55 3.17
N PHE B 160 15.44 -2.46 3.42
CA PHE B 160 14.48 -1.95 2.44
C PHE B 160 15.24 -1.19 1.37
N LYS B 161 15.23 -1.73 0.15
CA LYS B 161 15.98 -1.15 -0.96
C LYS B 161 15.13 -0.96 -2.20
N PRO B 162 14.28 0.08 -2.23
CA PRO B 162 13.46 0.36 -3.41
C PRO B 162 14.34 0.66 -4.62
N GLN B 163 13.93 0.22 -5.80
CA GLN B 163 14.66 0.51 -7.03
C GLN B 163 14.45 1.95 -7.52
N ASP B 164 13.39 2.60 -7.05
CA ASP B 164 13.08 3.93 -7.54
C ASP B 164 12.27 4.77 -6.53
N VAL B 165 11.98 6.01 -6.93
CA VAL B 165 11.24 6.91 -6.05
C VAL B 165 9.86 6.36 -5.75
N ASN B 166 9.22 5.76 -6.74
CA ASN B 166 7.89 5.19 -6.51
C ASN B 166 7.92 4.19 -5.36
N GLY B 167 8.99 3.39 -5.30
CA GLY B 167 9.15 2.40 -4.26
C GLY B 167 9.33 3.02 -2.88
N LEU B 168 10.10 4.10 -2.81
CA LEU B 168 10.31 4.80 -1.55
C LEU B 168 8.99 5.47 -1.14
N SER B 169 8.35 6.14 -2.10
CA SER B 169 7.08 6.81 -1.83
C SER B 169 6.04 5.87 -1.23
N ARG B 170 5.97 4.64 -1.75
CA ARG B 170 4.99 3.67 -1.25
C ARG B 170 5.17 3.38 0.25
N ALA B 171 6.41 3.30 0.71
CA ALA B 171 6.67 3.08 2.14
C ALA B 171 6.22 4.29 2.96
N LEU B 172 6.39 5.50 2.41
CA LEU B 172 6.03 6.69 3.17
C LEU B 172 4.51 6.82 3.26
N VAL B 173 3.84 6.59 2.13
CA VAL B 173 2.38 6.56 2.14
C VAL B 173 1.86 5.56 3.18
N ASP B 174 2.46 4.37 3.24
CA ASP B 174 2.06 3.39 4.27
C ASP B 174 2.15 4.01 5.67
N ALA B 175 3.26 4.67 5.97
CA ALA B 175 3.45 5.22 7.30
C ALA B 175 2.42 6.29 7.61
N ILE B 176 2.14 7.14 6.62
CA ILE B 176 1.12 8.16 6.73
C ILE B 176 -0.27 7.58 6.99
N GLN B 177 -0.62 6.52 6.28
CA GLN B 177 -1.97 5.96 6.42
C GLN B 177 -2.17 5.25 7.74
N LEU B 178 -1.08 4.76 8.33
CA LEU B 178 -1.16 3.96 9.55
C LEU B 178 -0.74 4.69 10.83
N ARG B 179 -0.42 5.99 10.71
CA ARG B 179 0.02 6.77 11.87
C ARG B 179 -0.93 6.60 13.05
P AMP C . -11.15 -10.32 -0.17
O1P AMP C . -12.33 -9.69 0.53
O2P AMP C . -9.81 -9.65 0.05
O3P AMP C . -11.13 -11.84 0.01
O5' AMP C . -11.41 -10.13 -1.74
C5' AMP C . -12.53 -10.72 -2.43
C4' AMP C . -12.24 -10.73 -3.92
O4' AMP C . -11.99 -9.40 -4.41
C3' AMP C . -10.96 -11.49 -4.25
O3' AMP C . -11.14 -12.92 -4.37
C2' AMP C . -10.51 -10.88 -5.54
O2' AMP C . -11.20 -11.46 -6.64
C1' AMP C . -10.97 -9.43 -5.41
N9 AMP C . -9.81 -8.66 -4.93
C8 AMP C . -9.53 -8.35 -3.65
N7 AMP C . -8.38 -7.63 -3.56
C5 AMP C . -7.93 -7.48 -4.82
C6 AMP C . -6.76 -6.83 -5.44
N6 AMP C . -5.86 -6.17 -4.69
N1 AMP C . -6.65 -6.91 -6.78
C2 AMP C . -7.55 -7.55 -7.55
N3 AMP C . -8.64 -8.17 -7.04
C4 AMP C . -8.87 -8.15 -5.72
C ACT D . -1.14 -17.72 -19.81
O ACT D . -2.18 -17.18 -20.26
OXT ACT D . -1.30 -18.61 -18.96
CH3 ACT D . 0.23 -17.30 -20.25
C ACT E . 5.24 -24.20 17.79
O ACT E . 4.11 -24.07 17.26
OXT ACT E . 5.29 -25.02 18.73
CH3 ACT E . 6.45 -23.45 17.32
H1 ACT E . 6.19 -22.80 16.49
H2 ACT E . 7.22 -24.15 17.00
H3 ACT E . 6.84 -22.84 18.14
C ACT F . -2.34 -0.14 -15.28
O ACT F . -3.56 -0.01 -15.19
OXT ACT F . -1.81 -0.80 -14.31
CH3 ACT F . -1.69 0.51 -16.46
H1 ACT F . -2.45 1.00 -17.07
H2 ACT F . -1.19 -0.26 -17.06
H3 ACT F . -0.96 1.23 -16.12
C ACT G . 0.72 -27.09 -0.71
O ACT G . 0.10 -26.58 -1.68
OXT ACT G . 0.73 -28.35 -0.69
CH3 ACT G . 1.39 -26.27 0.37
S SO4 H . 9.82 -31.99 -10.95
O1 SO4 H . 11.10 -31.38 -10.63
O2 SO4 H . 8.81 -31.54 -9.98
O3 SO4 H . 9.94 -33.44 -10.78
O4 SO4 H . 9.38 -31.70 -12.32
S SO4 I . -1.81 -37.46 17.88
O1 SO4 I . -1.03 -36.61 18.76
O2 SO4 I . -3.15 -37.68 18.45
O3 SO4 I . -1.16 -38.77 17.73
O4 SO4 I . -1.97 -36.83 16.58
S SO4 J . -9.90 9.69 24.03
O1 SO4 J . -8.62 9.64 24.67
O2 SO4 J . -10.83 10.49 24.83
O3 SO4 J . -10.47 8.34 23.88
O4 SO4 J . -9.76 10.26 22.69
#